data_1FST
#
_entry.id   1FST
#
_cell.length_a   125.21
_cell.length_b   125.21
_cell.length_c   82.66
_cell.angle_alpha   90.00
_cell.angle_beta   90.00
_cell.angle_gamma   120.00
#
_symmetry.space_group_name_H-M   'H 3'
#
loop_
_entity.id
_entity.type
_entity.pdbx_description
1 polymer 'RHO GDP-DISSOCIATION INHIBITOR 1'
2 water water
#
_entity_poly.entity_id   1
_entity_poly.type   'polypeptide(L)'
_entity_poly.pdbx_seq_one_letter_code
;MSVNYKPPAQKSIQEIQELDKDDESLRKYKEALLGRVAVSADPNVPNVVVTGLTLVCSSAPGPLELDLTGDLESFKKQSF
VLKEGVEYRIKISFRVNREIVSGMKYIQHTYRAGVAIDATDYMVGSYGPRAEEYEFLTPVEEAPKGMLARGSYSIKSRFT
DDDKTDHLSWEWNLTIKKDWKD
;
_entity_poly.pdbx_strand_id   A,B
#
# COMPACT_ATOMS: atom_id res chain seq x y z
N ASN A 44 -34.45 -19.08 -22.95
CA ASN A 44 -34.57 -17.63 -22.64
C ASN A 44 -33.31 -17.10 -21.94
N VAL A 45 -33.04 -15.81 -22.14
CA VAL A 45 -31.90 -15.14 -21.53
C VAL A 45 -32.07 -15.25 -20.03
N PRO A 46 -30.97 -15.45 -19.28
CA PRO A 46 -31.05 -15.58 -17.82
C PRO A 46 -32.03 -14.56 -17.24
N ASN A 47 -32.65 -14.93 -16.12
CA ASN A 47 -33.60 -14.04 -15.47
C ASN A 47 -32.85 -12.81 -14.96
N VAL A 48 -31.61 -13.03 -14.52
CA VAL A 48 -30.81 -11.92 -14.04
C VAL A 48 -29.55 -11.73 -14.91
N VAL A 49 -29.36 -10.52 -15.42
CA VAL A 49 -28.16 -10.25 -16.21
C VAL A 49 -27.39 -9.09 -15.61
N VAL A 50 -26.23 -9.38 -15.04
CA VAL A 50 -25.37 -8.34 -14.46
C VAL A 50 -24.74 -7.64 -15.66
N THR A 51 -24.94 -6.33 -15.76
CA THR A 51 -24.44 -5.57 -16.90
C THR A 51 -23.24 -4.66 -16.68
N GLY A 52 -22.80 -4.50 -15.45
CA GLY A 52 -21.66 -3.64 -15.23
C GLY A 52 -21.31 -3.31 -13.79
N LEU A 53 -20.08 -2.87 -13.60
CA LEU A 53 -19.61 -2.47 -12.29
C LEU A 53 -18.97 -1.11 -12.45
N THR A 54 -19.28 -0.20 -11.54
CA THR A 54 -18.70 1.12 -11.62
C THR A 54 -18.16 1.55 -10.27
N LEU A 55 -16.92 2.01 -10.28
CA LEU A 55 -16.27 2.48 -9.08
C LEU A 55 -16.56 3.97 -9.07
N VAL A 56 -17.56 4.37 -8.29
CA VAL A 56 -17.98 5.77 -8.19
C VAL A 56 -17.10 6.60 -7.25
N CYS A 57 -16.33 7.51 -7.83
CA CYS A 57 -15.45 8.36 -7.05
C CYS A 57 -15.45 9.78 -7.64
N SER A 58 -16.05 10.71 -6.91
CA SER A 58 -16.15 12.09 -7.38
C SER A 58 -14.84 12.72 -7.84
N SER A 59 -13.72 12.41 -7.19
CA SER A 59 -12.43 13.01 -7.56
C SER A 59 -11.60 12.26 -8.59
N ALA A 60 -12.13 11.17 -9.13
CA ALA A 60 -11.37 10.41 -10.10
C ALA A 60 -11.28 11.15 -11.41
N PRO A 61 -10.09 11.15 -12.04
CA PRO A 61 -9.93 11.85 -13.31
C PRO A 61 -10.83 11.29 -14.42
N GLY A 62 -10.94 9.98 -14.51
CA GLY A 62 -11.77 9.41 -15.55
C GLY A 62 -12.68 8.32 -15.04
N PRO A 63 -13.57 7.80 -15.91
CA PRO A 63 -14.49 6.72 -15.49
C PRO A 63 -13.79 5.43 -15.13
N LEU A 64 -14.29 4.76 -14.10
CA LEU A 64 -13.73 3.49 -13.67
C LEU A 64 -14.90 2.50 -13.68
N GLU A 65 -15.07 1.84 -14.82
CA GLU A 65 -16.15 0.87 -14.98
C GLU A 65 -15.80 -0.32 -15.84
N LEU A 66 -16.39 -1.46 -15.49
CA LEU A 66 -16.19 -2.73 -16.20
C LEU A 66 -17.49 -3.13 -16.91
N ASP A 67 -17.40 -3.51 -18.17
CA ASP A 67 -18.58 -3.96 -18.91
C ASP A 67 -18.66 -5.45 -18.63
N LEU A 68 -19.63 -5.85 -17.82
CA LEU A 68 -19.78 -7.25 -17.44
C LEU A 68 -20.58 -8.10 -18.41
N THR A 69 -20.97 -7.52 -19.55
CA THR A 69 -21.74 -8.27 -20.56
C THR A 69 -20.85 -8.98 -21.57
N GLY A 70 -19.54 -8.69 -21.53
CA GLY A 70 -18.64 -9.32 -22.47
C GLY A 70 -17.66 -10.32 -21.88
N ASP A 71 -16.41 -10.24 -22.33
CA ASP A 71 -15.37 -11.12 -21.87
C ASP A 71 -14.75 -10.63 -20.56
N LEU A 72 -14.94 -11.42 -19.50
CA LEU A 72 -14.43 -11.07 -18.19
C LEU A 72 -12.93 -11.34 -17.99
N GLU A 73 -12.33 -12.14 -18.87
CA GLU A 73 -10.91 -12.47 -18.75
C GLU A 73 -9.96 -11.29 -18.85
N SER A 74 -10.29 -10.35 -19.72
CA SER A 74 -9.46 -9.16 -19.91
C SER A 74 -9.21 -8.39 -18.63
N PHE A 75 -10.20 -8.36 -17.74
CA PHE A 75 -10.10 -7.65 -16.47
C PHE A 75 -8.98 -8.13 -15.57
N LYS A 76 -8.78 -9.44 -15.57
CA LYS A 76 -7.76 -10.04 -14.76
C LYS A 76 -6.36 -9.45 -14.99
N LYS A 77 -6.10 -8.96 -16.21
CA LYS A 77 -4.79 -8.40 -16.50
C LYS A 77 -4.81 -6.89 -16.40
N GLN A 78 -5.97 -6.34 -16.07
CA GLN A 78 -6.12 -4.90 -15.96
C GLN A 78 -6.25 -4.46 -14.51
N SER A 79 -6.28 -3.15 -14.30
CA SER A 79 -6.40 -2.61 -12.94
C SER A 79 -6.82 -1.15 -12.91
N PHE A 80 -7.75 -0.82 -12.01
CA PHE A 80 -8.19 0.56 -11.84
C PHE A 80 -7.22 1.19 -10.87
N VAL A 81 -6.94 2.48 -11.04
CA VAL A 81 -6.07 3.18 -10.10
C VAL A 81 -6.95 4.04 -9.23
N LEU A 82 -6.71 3.97 -7.93
CA LEU A 82 -7.50 4.70 -6.96
C LEU A 82 -6.55 5.42 -6.00
N LYS A 83 -6.77 6.73 -5.82
CA LYS A 83 -5.93 7.52 -4.92
C LYS A 83 -6.20 7.12 -3.47
N GLU A 84 -5.14 6.87 -2.71
CA GLU A 84 -5.29 6.47 -1.32
C GLU A 84 -6.15 7.43 -0.50
N GLY A 85 -6.99 6.85 0.35
CA GLY A 85 -7.86 7.64 1.21
C GLY A 85 -9.13 8.22 0.61
N VAL A 86 -9.29 8.22 -0.71
CA VAL A 86 -10.50 8.80 -1.29
C VAL A 86 -11.77 7.99 -0.97
N GLU A 87 -12.89 8.68 -0.91
CA GLU A 87 -14.17 8.01 -0.64
C GLU A 87 -14.75 7.53 -1.96
N TYR A 88 -15.40 6.39 -1.92
CA TYR A 88 -15.98 5.82 -3.13
C TYR A 88 -17.10 4.86 -2.81
N ARG A 89 -17.82 4.46 -3.86
CA ARG A 89 -18.92 3.51 -3.76
C ARG A 89 -18.72 2.58 -4.94
N ILE A 90 -19.49 1.50 -4.95
CA ILE A 90 -19.41 0.55 -6.03
C ILE A 90 -20.81 0.38 -6.56
N LYS A 91 -21.01 0.75 -7.81
CA LYS A 91 -22.31 0.62 -8.44
C LYS A 91 -22.35 -0.63 -9.27
N ILE A 92 -23.34 -1.48 -8.99
CA ILE A 92 -23.51 -2.73 -9.72
C ILE A 92 -24.80 -2.63 -10.52
N SER A 93 -24.68 -2.59 -11.84
CA SER A 93 -25.82 -2.51 -12.73
C SER A 93 -26.28 -3.91 -13.15
N PHE A 94 -27.60 -4.12 -13.18
CA PHE A 94 -28.14 -5.41 -13.57
C PHE A 94 -29.63 -5.31 -13.92
N ARG A 95 -30.16 -6.33 -14.57
CA ARG A 95 -31.57 -6.30 -14.92
C ARG A 95 -32.25 -7.62 -14.59
N VAL A 96 -33.53 -7.55 -14.25
CA VAL A 96 -34.34 -8.73 -13.95
C VAL A 96 -35.32 -8.81 -15.10
N ASN A 97 -35.30 -9.92 -15.83
CA ASN A 97 -36.16 -10.05 -17.00
C ASN A 97 -37.52 -10.68 -16.87
N ARG A 98 -37.66 -11.73 -16.06
CA ARG A 98 -38.96 -12.38 -15.98
C ARG A 98 -39.56 -12.68 -14.61
N GLU A 99 -38.80 -13.33 -13.73
CA GLU A 99 -39.31 -13.67 -12.41
C GLU A 99 -38.68 -12.84 -11.31
N ILE A 100 -39.40 -12.70 -10.20
CA ILE A 100 -38.91 -11.95 -9.05
C ILE A 100 -37.72 -12.72 -8.47
N VAL A 101 -36.76 -12.01 -7.91
CA VAL A 101 -35.59 -12.62 -7.30
C VAL A 101 -35.48 -12.05 -5.90
N SER A 102 -35.29 -12.92 -4.90
CA SER A 102 -35.21 -12.46 -3.52
C SER A 102 -33.89 -12.72 -2.80
N GLY A 103 -33.52 -11.76 -1.97
CA GLY A 103 -32.30 -11.88 -1.20
C GLY A 103 -31.06 -11.69 -2.05
N MET A 104 -31.17 -10.91 -3.11
CA MET A 104 -30.00 -10.68 -3.94
C MET A 104 -28.89 -10.04 -3.13
N LYS A 105 -27.69 -10.58 -3.26
CA LYS A 105 -26.52 -10.07 -2.54
C LYS A 105 -25.36 -9.87 -3.48
N TYR A 106 -24.59 -8.81 -3.24
CA TYR A 106 -23.39 -8.57 -4.03
C TYR A 106 -22.26 -8.91 -3.08
N ILE A 107 -21.59 -10.02 -3.34
CA ILE A 107 -20.49 -10.45 -2.50
C ILE A 107 -19.13 -10.02 -3.07
N GLN A 108 -18.24 -9.59 -2.18
CA GLN A 108 -16.95 -9.13 -2.62
C GLN A 108 -15.82 -9.44 -1.64
N HIS A 109 -14.89 -10.26 -2.07
CA HIS A 109 -13.73 -10.61 -1.26
C HIS A 109 -12.54 -9.86 -1.84
N THR A 110 -11.77 -9.21 -0.97
CA THR A 110 -10.61 -8.44 -1.42
C THR A 110 -9.34 -9.06 -0.89
N TYR A 111 -8.42 -9.32 -1.81
CA TYR A 111 -7.15 -9.95 -1.49
C TYR A 111 -5.99 -8.99 -1.72
N ARG A 112 -4.93 -9.16 -0.94
CA ARG A 112 -3.73 -8.36 -1.06
C ARG A 112 -2.60 -9.36 -0.95
N ALA A 113 -1.68 -9.35 -1.91
CA ALA A 113 -0.57 -10.30 -1.93
C ALA A 113 -1.10 -11.74 -1.94
N GLY A 114 -2.22 -11.94 -2.65
CA GLY A 114 -2.81 -13.26 -2.77
C GLY A 114 -3.63 -13.78 -1.61
N VAL A 115 -3.74 -13.01 -0.56
CA VAL A 115 -4.47 -13.44 0.63
C VAL A 115 -5.64 -12.52 0.99
N ALA A 116 -6.78 -13.13 1.31
CA ALA A 116 -7.97 -12.35 1.66
C ALA A 116 -7.76 -11.44 2.88
N ILE A 117 -7.98 -10.14 2.68
CA ILE A 117 -7.86 -9.16 3.76
C ILE A 117 -9.22 -8.60 4.10
N ASP A 118 -10.23 -9.05 3.36
CA ASP A 118 -11.60 -8.61 3.60
C ASP A 118 -12.64 -9.36 2.79
N ALA A 119 -13.80 -9.57 3.41
CA ALA A 119 -14.95 -10.23 2.80
C ALA A 119 -16.19 -9.43 3.20
N THR A 120 -17.00 -9.04 2.23
CA THR A 120 -18.19 -8.27 2.53
C THR A 120 -19.38 -8.68 1.67
N ASP A 121 -20.51 -8.92 2.33
CA ASP A 121 -21.73 -9.29 1.64
C ASP A 121 -22.63 -8.06 1.69
N TYR A 122 -23.03 -7.58 0.52
CA TYR A 122 -23.89 -6.41 0.44
C TYR A 122 -25.31 -6.84 0.11
N MET A 123 -26.18 -6.70 1.09
CA MET A 123 -27.58 -7.07 0.93
C MET A 123 -28.17 -6.17 -0.16
N VAL A 124 -28.57 -6.74 -1.28
CA VAL A 124 -29.14 -5.97 -2.38
C VAL A 124 -30.65 -5.82 -2.27
N GLY A 125 -31.33 -6.91 -1.99
CA GLY A 125 -32.78 -6.84 -1.86
C GLY A 125 -33.50 -7.79 -2.76
N SER A 126 -34.83 -7.81 -2.65
CA SER A 126 -35.65 -8.67 -3.48
C SER A 126 -36.42 -7.78 -4.45
N TYR A 127 -36.12 -7.93 -5.73
CA TYR A 127 -36.76 -7.11 -6.75
C TYR A 127 -37.31 -7.92 -7.91
N GLY A 128 -38.48 -7.51 -8.40
CA GLY A 128 -39.10 -8.22 -9.50
C GLY A 128 -38.64 -7.74 -10.85
N PRO A 129 -39.21 -8.26 -11.95
CA PRO A 129 -38.84 -7.86 -13.30
C PRO A 129 -39.19 -6.42 -13.64
N ARG A 130 -38.36 -5.79 -14.45
CA ARG A 130 -38.54 -4.41 -14.87
C ARG A 130 -37.76 -4.18 -16.16
N ALA A 131 -38.33 -3.39 -17.06
CA ALA A 131 -37.70 -3.10 -18.34
C ALA A 131 -36.40 -2.31 -18.15
N GLU A 132 -36.46 -1.34 -17.25
CA GLU A 132 -35.32 -0.50 -16.92
C GLU A 132 -34.28 -1.25 -16.09
N GLU A 133 -33.02 -0.95 -16.35
CA GLU A 133 -31.88 -1.55 -15.67
C GLU A 133 -31.72 -1.06 -14.22
N TYR A 134 -31.53 -2.00 -13.30
CA TYR A 134 -31.35 -1.67 -11.88
C TYR A 134 -29.91 -1.24 -11.57
N GLU A 135 -29.75 -0.45 -10.51
CA GLU A 135 -28.42 0.00 -10.08
C GLU A 135 -28.33 -0.10 -8.56
N PHE A 136 -27.31 -0.79 -8.07
CA PHE A 136 -27.11 -0.93 -6.63
C PHE A 136 -25.85 -0.17 -6.21
N LEU A 137 -26.00 0.67 -5.20
CA LEU A 137 -24.88 1.43 -4.68
C LEU A 137 -24.53 0.95 -3.28
N THR A 138 -23.29 0.55 -3.09
CA THR A 138 -22.86 0.11 -1.77
C THR A 138 -22.69 1.40 -0.97
N PRO A 139 -22.75 1.31 0.37
CA PRO A 139 -22.58 2.51 1.20
C PRO A 139 -21.21 3.10 0.87
N VAL A 140 -20.97 4.34 1.27
CA VAL A 140 -19.67 4.95 0.99
C VAL A 140 -18.54 4.22 1.69
N GLU A 141 -17.47 3.95 0.93
CA GLU A 141 -16.29 3.28 1.43
C GLU A 141 -15.16 4.31 1.41
N GLU A 142 -14.10 4.04 2.16
CA GLU A 142 -12.96 4.94 2.22
C GLU A 142 -11.77 4.09 1.78
N ALA A 143 -10.93 4.63 0.90
CA ALA A 143 -9.77 3.88 0.45
C ALA A 143 -8.66 3.98 1.50
N PRO A 144 -7.76 2.97 1.54
CA PRO A 144 -6.65 2.96 2.52
C PRO A 144 -5.65 4.07 2.30
N LYS A 145 -4.95 4.46 3.37
CA LYS A 145 -3.94 5.49 3.30
C LYS A 145 -2.65 5.04 3.95
N GLY A 146 -1.54 5.60 3.48
CA GLY A 146 -0.23 5.28 4.02
C GLY A 146 0.53 4.37 3.10
N MET A 147 1.84 4.56 3.03
CA MET A 147 2.68 3.73 2.17
C MET A 147 2.28 2.26 2.21
N LEU A 148 2.36 1.71 3.42
CA LEU A 148 2.08 0.30 3.63
C LEU A 148 0.69 -0.17 3.25
N ALA A 149 -0.11 0.72 2.69
CA ALA A 149 -1.46 0.34 2.27
C ALA A 149 -1.55 0.35 0.76
N ARG A 150 -0.54 0.96 0.13
CA ARG A 150 -0.48 1.06 -1.33
C ARG A 150 -0.22 -0.28 -1.98
N GLY A 151 -0.36 -0.31 -3.31
CA GLY A 151 -0.13 -1.55 -4.05
C GLY A 151 -1.36 -2.19 -4.68
N SER A 152 -1.15 -3.39 -5.24
CA SER A 152 -2.22 -4.12 -5.90
C SER A 152 -3.18 -4.78 -4.93
N TYR A 153 -4.45 -4.80 -5.34
CA TYR A 153 -5.50 -5.46 -4.58
C TYR A 153 -6.34 -6.16 -5.62
N SER A 154 -6.65 -7.42 -5.37
CA SER A 154 -7.47 -8.17 -6.30
C SER A 154 -8.83 -8.41 -5.67
N ILE A 155 -9.87 -8.33 -6.49
CA ILE A 155 -11.21 -8.52 -5.98
C ILE A 155 -11.96 -9.64 -6.67
N LYS A 156 -12.63 -10.46 -5.87
CA LYS A 156 -13.44 -11.53 -6.43
C LYS A 156 -14.84 -11.01 -6.15
N SER A 157 -15.62 -10.81 -7.22
CA SER A 157 -16.99 -10.32 -7.10
C SER A 157 -18.00 -11.37 -7.52
N ARG A 158 -19.13 -11.39 -6.84
CA ARG A 158 -20.21 -12.31 -7.17
C ARG A 158 -21.56 -11.71 -6.86
N PHE A 159 -22.49 -11.87 -7.78
CA PHE A 159 -23.85 -11.36 -7.61
C PHE A 159 -24.71 -12.62 -7.46
N THR A 160 -25.34 -12.75 -6.31
CA THR A 160 -26.17 -13.92 -6.09
C THR A 160 -27.46 -13.55 -5.38
N ASP A 161 -28.20 -14.56 -4.92
CA ASP A 161 -29.47 -14.33 -4.24
C ASP A 161 -29.66 -15.42 -3.19
N ASP A 162 -30.89 -15.58 -2.73
CA ASP A 162 -31.18 -16.59 -1.71
C ASP A 162 -30.85 -17.99 -2.20
N ASP A 163 -31.39 -18.35 -3.37
CA ASP A 163 -31.16 -19.67 -3.95
C ASP A 163 -29.68 -19.93 -4.20
N LYS A 164 -28.85 -18.97 -3.80
CA LYS A 164 -27.40 -19.09 -3.96
C LYS A 164 -26.97 -19.20 -5.44
N THR A 165 -27.86 -18.79 -6.32
CA THR A 165 -27.60 -18.80 -7.76
C THR A 165 -26.40 -17.93 -8.15
N ASP A 166 -25.51 -18.46 -9.00
CA ASP A 166 -24.36 -17.68 -9.44
C ASP A 166 -24.84 -16.88 -10.65
N HIS A 167 -25.40 -15.71 -10.40
CA HIS A 167 -25.88 -14.85 -11.46
C HIS A 167 -24.72 -14.36 -12.30
N LEU A 168 -23.59 -14.11 -11.65
CA LEU A 168 -22.40 -13.67 -12.36
C LEU A 168 -21.29 -13.47 -11.38
N SER A 169 -20.13 -14.06 -11.70
CA SER A 169 -18.93 -13.92 -10.87
C SER A 169 -17.84 -13.35 -11.75
N TRP A 170 -16.96 -12.54 -11.19
CA TRP A 170 -15.88 -11.96 -11.97
C TRP A 170 -14.76 -11.46 -11.08
N GLU A 171 -13.57 -11.36 -11.65
CA GLU A 171 -12.40 -10.90 -10.91
C GLU A 171 -11.82 -9.67 -11.57
N TRP A 172 -11.52 -8.67 -10.76
CA TRP A 172 -10.93 -7.45 -11.25
C TRP A 172 -9.84 -6.99 -10.28
N ASN A 173 -9.09 -5.95 -10.65
CA ASN A 173 -8.02 -5.48 -9.80
C ASN A 173 -8.01 -4.00 -9.55
N LEU A 174 -7.38 -3.62 -8.44
CA LEU A 174 -7.28 -2.25 -8.01
C LEU A 174 -5.83 -1.95 -7.61
N THR A 175 -5.43 -0.69 -7.71
CA THR A 175 -4.08 -0.27 -7.35
C THR A 175 -4.12 1.06 -6.61
N ILE A 176 -3.74 1.02 -5.34
CA ILE A 176 -3.74 2.22 -4.50
C ILE A 176 -2.43 2.97 -4.65
N LYS A 177 -2.52 4.25 -4.98
CA LYS A 177 -1.35 5.08 -5.17
C LYS A 177 -1.41 6.35 -4.34
N LYS A 178 -0.27 7.00 -4.15
CA LYS A 178 -0.20 8.23 -3.36
C LYS A 178 -1.13 9.29 -3.95
N ASP A 179 -1.19 9.32 -5.28
CA ASP A 179 -2.03 10.27 -5.99
C ASP A 179 -2.48 9.52 -7.24
N TRP A 180 -3.35 10.14 -8.03
CA TRP A 180 -3.82 9.50 -9.26
C TRP A 180 -2.65 9.35 -10.22
N LYS A 181 -1.47 9.75 -9.74
CA LYS A 181 -0.19 9.68 -10.46
C LYS A 181 -0.34 9.28 -11.92
N LEU B 34 45.38 -5.45 31.22
CA LEU B 34 45.88 -6.39 30.17
C LEU B 34 45.82 -5.82 28.75
N GLY B 35 45.78 -6.71 27.77
CA GLY B 35 45.74 -6.30 26.37
C GLY B 35 44.46 -5.69 25.84
N ARG B 36 44.52 -5.29 24.58
CA ARG B 36 43.40 -4.65 23.90
C ARG B 36 43.13 -5.32 22.57
N VAL B 37 41.85 -5.50 22.26
CA VAL B 37 41.45 -6.09 20.98
C VAL B 37 40.63 -5.02 20.24
N ALA B 38 40.97 -4.80 18.97
CA ALA B 38 40.26 -3.82 18.16
C ALA B 38 40.06 -4.37 16.76
N VAL B 39 39.42 -3.58 15.90
CA VAL B 39 39.20 -3.99 14.53
C VAL B 39 39.99 -3.03 13.66
N SER B 40 40.63 -3.55 12.61
CA SER B 40 41.44 -2.71 11.72
C SER B 40 40.70 -1.48 11.19
N ALA B 41 41.32 -0.33 11.39
CA ALA B 41 40.76 0.95 10.98
C ALA B 41 40.74 1.11 9.46
N ASP B 42 39.54 1.33 8.91
CA ASP B 42 39.37 1.53 7.47
C ASP B 42 40.27 2.67 7.02
N PRO B 43 40.85 2.56 5.82
CA PRO B 43 41.75 3.57 5.27
C PRO B 43 41.18 4.98 5.27
N ASN B 44 40.29 5.24 4.32
CA ASN B 44 39.69 6.55 4.18
C ASN B 44 38.22 6.55 4.55
N VAL B 45 37.75 7.73 4.97
CA VAL B 45 36.36 7.90 5.33
C VAL B 45 35.72 8.57 4.14
N PRO B 46 34.56 8.06 3.71
CA PRO B 46 33.82 8.60 2.57
C PRO B 46 33.37 10.03 2.83
N ASN B 47 33.18 10.81 1.77
CA ASN B 47 32.73 12.20 1.92
C ASN B 47 31.43 12.20 2.71
N VAL B 48 30.55 11.28 2.35
CA VAL B 48 29.26 11.14 3.02
C VAL B 48 29.21 9.82 3.77
N VAL B 49 28.81 9.88 5.04
CA VAL B 49 28.69 8.69 5.86
C VAL B 49 27.31 8.68 6.51
N VAL B 50 26.52 7.67 6.18
CA VAL B 50 25.19 7.56 6.75
C VAL B 50 25.42 6.92 8.12
N THR B 51 24.98 7.59 9.17
CA THR B 51 25.20 7.06 10.52
C THR B 51 24.01 6.42 11.19
N GLY B 52 22.81 6.62 10.65
CA GLY B 52 21.66 6.01 11.28
C GLY B 52 20.30 6.30 10.70
N LEU B 53 19.33 5.47 11.08
CA LEU B 53 17.94 5.63 10.65
C LEU B 53 17.06 5.52 11.87
N THR B 54 16.12 6.45 12.01
CA THR B 54 15.20 6.38 13.13
C THR B 54 13.76 6.45 12.71
N LEU B 55 12.99 5.48 13.18
CA LEU B 55 11.57 5.44 12.90
C LEU B 55 10.95 6.25 14.04
N VAL B 56 10.65 7.52 13.75
CA VAL B 56 10.08 8.44 14.72
C VAL B 56 8.57 8.30 14.93
N CYS B 57 8.19 7.80 16.11
CA CYS B 57 6.79 7.63 16.45
C CYS B 57 6.61 7.99 17.92
N SER B 58 5.84 9.03 18.19
CA SER B 58 5.62 9.52 19.54
C SER B 58 4.99 8.54 20.52
N SER B 59 4.24 7.54 20.04
CA SER B 59 3.59 6.59 20.94
C SER B 59 4.30 5.26 21.10
N ALA B 60 5.45 5.10 20.46
CA ALA B 60 6.19 3.84 20.56
C ALA B 60 6.71 3.65 21.98
N PRO B 61 6.63 2.43 22.51
CA PRO B 61 7.11 2.18 23.88
C PRO B 61 8.63 2.40 24.04
N GLY B 62 9.40 2.07 23.00
CA GLY B 62 10.84 2.23 23.06
C GLY B 62 11.40 2.75 21.73
N PRO B 63 12.71 3.08 21.67
CA PRO B 63 13.33 3.58 20.44
C PRO B 63 13.37 2.56 19.31
N LEU B 64 13.13 3.04 18.09
CA LEU B 64 13.16 2.19 16.92
C LEU B 64 14.19 2.80 15.99
N GLU B 65 15.44 2.38 16.13
CA GLU B 65 16.51 2.93 15.31
C GLU B 65 17.64 1.96 14.98
N LEU B 66 18.19 2.10 13.79
CA LEU B 66 19.27 1.26 13.29
C LEU B 66 20.57 2.04 13.22
N ASP B 67 21.64 1.45 13.74
CA ASP B 67 22.97 2.06 13.67
C ASP B 67 23.51 1.62 12.30
N LEU B 68 23.66 2.54 11.37
CA LEU B 68 24.14 2.17 10.03
C LEU B 68 25.66 2.25 9.81
N THR B 69 26.43 2.41 10.89
CA THR B 69 27.87 2.50 10.77
C THR B 69 28.61 1.17 10.89
N GLY B 70 27.87 0.09 11.09
CA GLY B 70 28.52 -1.20 11.21
C GLY B 70 27.93 -2.22 10.26
N ASP B 71 27.80 -3.45 10.74
CA ASP B 71 27.24 -4.54 9.96
C ASP B 71 25.72 -4.34 9.71
N LEU B 72 25.36 -4.33 8.43
CA LEU B 72 23.96 -4.16 8.01
C LEU B 72 23.21 -5.49 7.90
N GLU B 73 23.94 -6.60 7.83
CA GLU B 73 23.33 -7.92 7.70
C GLU B 73 22.36 -8.31 8.80
N SER B 74 22.69 -7.98 10.04
CA SER B 74 21.85 -8.30 11.20
C SER B 74 20.41 -7.79 11.06
N PHE B 75 20.24 -6.64 10.42
CA PHE B 75 18.91 -6.09 10.25
C PHE B 75 17.98 -7.06 9.51
N LYS B 76 18.52 -7.75 8.50
CA LYS B 76 17.73 -8.69 7.73
C LYS B 76 17.04 -9.76 8.57
N LYS B 77 17.59 -10.03 9.75
CA LYS B 77 17.00 -11.04 10.61
C LYS B 77 16.25 -10.40 11.76
N GLN B 78 15.95 -9.10 11.65
CA GLN B 78 15.24 -8.40 12.71
C GLN B 78 14.06 -7.61 12.14
N SER B 79 13.31 -6.97 13.04
CA SER B 79 12.16 -6.21 12.60
C SER B 79 11.62 -5.28 13.67
N PHE B 80 11.30 -4.05 13.27
CA PHE B 80 10.71 -3.09 14.19
C PHE B 80 9.23 -3.43 14.26
N VAL B 81 8.62 -3.26 15.42
CA VAL B 81 7.20 -3.48 15.56
C VAL B 81 6.54 -2.10 15.55
N LEU B 82 5.46 -1.95 14.80
CA LEU B 82 4.76 -0.68 14.70
C LEU B 82 3.27 -0.96 14.87
N LYS B 83 2.61 -0.19 15.73
CA LYS B 83 1.18 -0.37 15.95
C LYS B 83 0.44 0.22 14.76
N GLU B 84 -0.57 -0.48 14.28
CA GLU B 84 -1.30 -0.03 13.12
C GLU B 84 -1.98 1.33 13.32
N GLY B 85 -2.05 2.10 12.23
CA GLY B 85 -2.69 3.41 12.27
C GLY B 85 -1.92 4.58 12.84
N VAL B 86 -0.79 4.32 13.50
CA VAL B 86 -0.02 5.42 14.08
C VAL B 86 0.71 6.26 13.04
N GLU B 87 0.96 7.52 13.37
CA GLU B 87 1.68 8.40 12.47
C GLU B 87 3.16 8.22 12.83
N TYR B 88 4.03 8.39 11.84
CA TYR B 88 5.45 8.26 12.09
C TYR B 88 6.22 8.94 10.97
N ARG B 89 7.50 9.16 11.21
CA ARG B 89 8.41 9.78 10.23
C ARG B 89 9.60 8.85 10.17
N ILE B 90 10.53 9.16 9.28
CA ILE B 90 11.75 8.39 9.14
C ILE B 90 12.90 9.39 9.13
N LYS B 91 13.72 9.34 10.16
CA LYS B 91 14.84 10.26 10.27
C LYS B 91 16.13 9.59 9.82
N ILE B 92 16.78 10.19 8.84
CA ILE B 92 18.05 9.67 8.34
C ILE B 92 19.18 10.59 8.83
N SER B 93 20.14 10.01 9.56
CA SER B 93 21.27 10.78 10.07
C SER B 93 22.49 10.50 9.23
N PHE B 94 23.28 11.54 8.96
CA PHE B 94 24.48 11.40 8.14
C PHE B 94 25.39 12.62 8.30
N ARG B 95 26.62 12.50 7.82
CA ARG B 95 27.54 13.62 7.89
C ARG B 95 28.27 13.79 6.57
N VAL B 96 28.60 15.03 6.25
CA VAL B 96 29.34 15.34 5.04
C VAL B 96 30.70 15.74 5.57
N ASN B 97 31.75 15.16 5.02
CA ASN B 97 33.07 15.47 5.54
C ASN B 97 33.92 16.47 4.79
N ARG B 98 33.92 16.44 3.47
CA ARG B 98 34.78 17.37 2.75
C ARG B 98 34.17 18.21 1.64
N GLU B 99 33.60 17.57 0.62
CA GLU B 99 33.00 18.30 -0.50
C GLU B 99 31.50 18.46 -0.37
N ILE B 100 30.97 19.46 -1.07
CA ILE B 100 29.55 19.70 -1.05
C ILE B 100 28.89 18.61 -1.89
N VAL B 101 27.69 18.22 -1.50
CA VAL B 101 26.94 17.21 -2.22
C VAL B 101 25.61 17.84 -2.60
N SER B 102 25.14 17.54 -3.80
CA SER B 102 23.88 18.12 -4.25
C SER B 102 22.87 17.08 -4.70
N GLY B 103 21.59 17.42 -4.52
CA GLY B 103 20.51 16.54 -4.92
C GLY B 103 20.46 15.24 -4.15
N MET B 104 20.86 15.27 -2.88
CA MET B 104 20.82 14.07 -2.07
C MET B 104 19.40 13.59 -1.94
N LYS B 105 19.21 12.29 -2.13
CA LYS B 105 17.88 11.68 -2.05
C LYS B 105 17.87 10.41 -1.21
N TYR B 106 16.82 10.26 -0.41
CA TYR B 106 16.65 9.05 0.37
C TYR B 106 15.57 8.25 -0.37
N ILE B 107 15.99 7.13 -0.94
CA ILE B 107 15.09 6.28 -1.70
C ILE B 107 14.67 5.09 -0.86
N GLN B 108 13.37 4.81 -0.85
CA GLN B 108 12.84 3.71 -0.06
C GLN B 108 11.78 2.89 -0.76
N HIS B 109 12.10 1.61 -0.95
CA HIS B 109 11.22 0.65 -1.59
C HIS B 109 10.66 -0.28 -0.52
N THR B 110 9.33 -0.37 -0.45
CA THR B 110 8.67 -1.19 0.55
C THR B 110 7.98 -2.41 -0.07
N TYR B 111 8.32 -3.58 0.45
CA TYR B 111 7.72 -4.81 -0.04
C TYR B 111 6.92 -5.47 1.06
N ARG B 112 5.93 -6.25 0.66
CA ARG B 112 5.11 -7.01 1.59
C ARG B 112 4.91 -8.40 0.98
N ALA B 113 5.34 -9.42 1.71
CA ALA B 113 5.24 -10.82 1.25
C ALA B 113 5.97 -10.97 -0.08
N GLY B 114 7.04 -10.19 -0.24
CA GLY B 114 7.81 -10.25 -1.47
C GLY B 114 7.12 -9.49 -2.59
N VAL B 115 6.08 -8.75 -2.26
CA VAL B 115 5.37 -8.00 -3.28
C VAL B 115 5.62 -6.50 -3.12
N ALA B 116 6.15 -5.87 -4.16
CA ALA B 116 6.41 -4.43 -4.14
C ALA B 116 5.08 -3.75 -3.92
N ILE B 117 5.04 -2.80 -3.00
CA ILE B 117 3.80 -2.10 -2.72
C ILE B 117 4.00 -0.61 -2.75
N ASP B 118 5.25 -0.16 -2.74
CA ASP B 118 5.52 1.27 -2.79
C ASP B 118 6.99 1.65 -2.94
N ALA B 119 7.22 2.69 -3.72
CA ALA B 119 8.56 3.23 -3.95
C ALA B 119 8.49 4.76 -3.80
N THR B 120 9.30 5.31 -2.90
CA THR B 120 9.30 6.76 -2.65
C THR B 120 10.69 7.40 -2.60
N ASP B 121 10.90 8.43 -3.41
CA ASP B 121 12.17 9.18 -3.44
C ASP B 121 11.98 10.44 -2.62
N TYR B 122 12.74 10.58 -1.55
CA TYR B 122 12.65 11.76 -0.68
C TYR B 122 13.78 12.74 -0.97
N MET B 123 13.43 13.88 -1.57
CA MET B 123 14.43 14.89 -1.85
C MET B 123 15.04 15.35 -0.54
N VAL B 124 16.35 15.20 -0.39
CA VAL B 124 16.99 15.65 0.85
C VAL B 124 17.62 17.03 0.70
N GLY B 125 18.20 17.31 -0.46
CA GLY B 125 18.80 18.62 -0.67
C GLY B 125 20.31 18.61 -0.86
N SER B 126 20.94 19.77 -0.72
CA SER B 126 22.39 19.91 -0.87
C SER B 126 23.05 20.33 0.43
N TYR B 127 24.13 19.64 0.80
CA TYR B 127 24.80 19.95 2.05
C TYR B 127 26.32 20.08 1.90
N GLY B 128 26.88 21.00 2.68
CA GLY B 128 28.32 21.19 2.64
C GLY B 128 28.93 20.43 3.79
N PRO B 129 30.27 20.38 3.88
CA PRO B 129 30.89 19.64 4.97
C PRO B 129 30.74 20.36 6.30
N ARG B 130 30.97 19.62 7.37
CA ARG B 130 30.91 20.14 8.74
C ARG B 130 31.08 18.94 9.66
N ALA B 131 31.41 19.21 10.91
CA ALA B 131 31.59 18.13 11.86
C ALA B 131 30.24 17.66 12.38
N GLU B 132 29.35 18.61 12.66
CA GLU B 132 28.03 18.28 13.16
C GLU B 132 27.23 17.43 12.19
N GLU B 133 26.67 16.33 12.71
CA GLU B 133 25.87 15.38 11.96
C GLU B 133 24.58 16.04 11.44
N TYR B 134 24.14 15.66 10.23
CA TYR B 134 22.90 16.20 9.65
C TYR B 134 21.73 15.25 9.96
N GLU B 135 20.50 15.79 9.95
CA GLU B 135 19.33 14.95 10.19
C GLU B 135 18.20 15.28 9.22
N PHE B 136 17.78 14.29 8.45
CA PHE B 136 16.70 14.46 7.49
C PHE B 136 15.44 13.74 7.99
N LEU B 137 14.30 14.42 7.87
CA LEU B 137 13.04 13.84 8.30
C LEU B 137 12.11 13.80 7.11
N THR B 138 11.50 12.64 6.90
CA THR B 138 10.56 12.50 5.81
C THR B 138 9.28 13.15 6.34
N PRO B 139 8.37 13.51 5.44
CA PRO B 139 7.12 14.12 5.92
C PRO B 139 6.42 13.06 6.76
N VAL B 140 5.41 13.47 7.53
CA VAL B 140 4.68 12.51 8.34
C VAL B 140 3.99 11.46 7.48
N GLU B 141 4.13 10.20 7.90
CA GLU B 141 3.50 9.08 7.21
C GLU B 141 2.49 8.49 8.19
N GLU B 142 1.50 7.78 7.65
CA GLU B 142 0.45 7.18 8.47
C GLU B 142 0.43 5.67 8.27
N ALA B 143 0.41 4.93 9.38
CA ALA B 143 0.41 3.48 9.32
C ALA B 143 -0.96 2.95 8.92
N PRO B 144 -0.99 1.87 8.13
CA PRO B 144 -2.24 1.26 7.68
C PRO B 144 -3.01 0.68 8.88
N LYS B 145 -4.27 0.31 8.64
CA LYS B 145 -5.12 -0.30 9.68
C LYS B 145 -5.94 -1.46 9.14
N GLY B 146 -6.20 -2.45 9.99
CA GLY B 146 -7.00 -3.59 9.58
C GLY B 146 -6.23 -4.81 9.12
N MET B 147 -6.98 -5.86 8.82
CA MET B 147 -6.44 -7.13 8.35
C MET B 147 -5.39 -6.95 7.26
N LEU B 148 -5.56 -5.91 6.45
CA LEU B 148 -4.62 -5.63 5.36
C LEU B 148 -3.38 -4.93 5.85
N ALA B 149 -3.52 -4.17 6.93
CA ALA B 149 -2.39 -3.44 7.45
C ALA B 149 -1.34 -4.34 8.08
N ARG B 150 -1.81 -5.39 8.76
CA ARG B 150 -0.91 -6.31 9.46
C ARG B 150 -0.02 -7.19 8.61
N GLY B 151 1.12 -7.55 9.19
CA GLY B 151 2.09 -8.38 8.50
C GLY B 151 3.48 -7.79 8.48
N SER B 152 4.40 -8.52 7.88
CA SER B 152 5.79 -8.10 7.79
C SER B 152 6.04 -7.36 6.51
N TYR B 153 6.76 -6.25 6.61
CA TYR B 153 7.11 -5.44 5.45
C TYR B 153 8.64 -5.37 5.38
N SER B 154 9.20 -5.61 4.21
CA SER B 154 10.65 -5.53 4.00
C SER B 154 10.92 -4.22 3.30
N ILE B 155 11.94 -3.51 3.74
CA ILE B 155 12.28 -2.23 3.16
C ILE B 155 13.70 -2.21 2.59
N LYS B 156 13.84 -1.64 1.39
CA LYS B 156 15.15 -1.49 0.76
C LYS B 156 15.40 0.01 0.73
N SER B 157 16.40 0.46 1.49
CA SER B 157 16.71 1.87 1.56
C SER B 157 18.01 2.19 0.87
N ARG B 158 18.12 3.43 0.43
CA ARG B 158 19.32 3.92 -0.22
C ARG B 158 19.39 5.42 -0.08
N PHE B 159 20.59 5.91 0.20
CA PHE B 159 20.85 7.33 0.35
C PHE B 159 21.80 7.65 -0.80
N THR B 160 21.36 8.54 -1.70
CA THR B 160 22.19 8.90 -2.83
C THR B 160 22.11 10.39 -3.14
N ASP B 161 22.63 10.77 -4.31
CA ASP B 161 22.64 12.17 -4.73
C ASP B 161 22.55 12.26 -6.26
N ASP B 162 22.76 13.46 -6.79
CA ASP B 162 22.70 13.65 -8.23
C ASP B 162 23.62 12.68 -8.95
N ASP B 163 24.88 12.62 -8.53
CA ASP B 163 25.84 11.73 -9.16
C ASP B 163 25.47 10.26 -9.06
N LYS B 164 24.29 9.99 -8.52
CA LYS B 164 23.82 8.61 -8.37
C LYS B 164 24.80 7.77 -7.54
N THR B 165 25.54 8.44 -6.65
CA THR B 165 26.49 7.77 -5.78
C THR B 165 25.80 6.93 -4.70
N ASP B 166 26.18 5.67 -4.58
CA ASP B 166 25.59 4.80 -3.57
C ASP B 166 26.23 5.08 -2.22
N HIS B 167 25.84 6.20 -1.60
CA HIS B 167 26.37 6.59 -0.31
C HIS B 167 26.18 5.50 0.73
N LEU B 168 25.09 4.75 0.58
CA LEU B 168 24.78 3.65 1.50
C LEU B 168 23.45 3.01 1.12
N SER B 169 23.42 1.68 1.13
CA SER B 169 22.22 0.91 0.81
C SER B 169 22.06 -0.13 1.90
N TRP B 170 20.82 -0.33 2.35
CA TRP B 170 20.57 -1.30 3.41
C TRP B 170 19.13 -1.78 3.37
N GLU B 171 18.91 -2.95 3.98
CA GLU B 171 17.58 -3.53 4.04
C GLU B 171 17.18 -3.71 5.49
N TRP B 172 15.90 -3.51 5.78
CA TRP B 172 15.40 -3.67 7.13
C TRP B 172 13.93 -4.07 7.13
N ASN B 173 13.42 -4.47 8.29
CA ASN B 173 12.05 -4.92 8.33
C ASN B 173 11.19 -4.20 9.34
N LEU B 174 9.90 -4.24 9.04
CA LEU B 174 8.88 -3.60 9.85
C LEU B 174 7.74 -4.59 9.96
N THR B 175 7.00 -4.53 11.06
CA THR B 175 5.90 -5.44 11.25
C THR B 175 4.75 -4.70 11.89
N ILE B 176 3.60 -4.69 11.22
CA ILE B 176 2.42 -4.02 11.75
C ILE B 176 1.65 -4.99 12.65
N LYS B 177 1.20 -4.49 13.80
CA LYS B 177 0.44 -5.30 14.74
C LYS B 177 -0.74 -4.53 15.30
N LYS B 178 -1.77 -5.26 15.74
CA LYS B 178 -2.98 -4.63 16.28
C LYS B 178 -2.61 -3.65 17.39
N ASP B 179 -1.60 -4.02 18.16
CA ASP B 179 -1.13 -3.16 19.24
C ASP B 179 0.38 -3.35 19.31
N TRP B 180 1.05 -2.58 20.16
CA TRP B 180 2.50 -2.70 20.29
C TRP B 180 2.96 -4.07 20.78
N LYS B 181 2.33 -5.11 20.26
CA LYS B 181 2.65 -6.50 20.61
C LYS B 181 2.10 -6.90 21.98
#